data_8SG3
#
_entry.id   8SG3
#
_cell.length_a   108.633
_cell.length_b   108.633
_cell.length_c   198.744
_cell.angle_alpha   90.00
_cell.angle_beta   90.00
_cell.angle_gamma   90.00
#
_symmetry.space_group_name_H-M   'I 41'
#
loop_
_entity.id
_entity.type
_entity.pdbx_description
1 polymer 'Green fluorescent protein'
2 polymer LaG41
3 water water
#
loop_
_entity_poly.entity_id
_entity_poly.type
_entity_poly.pdbx_seq_one_letter_code
_entity_poly.pdbx_strand_id
1 'polypeptide(L)'
;MASKGEELFTGVVPILVELDGDVNGHKFSVSGEGEGDATYGKLTLKFICTTGKLPVPWPTLVTTF(CR2)VQCFARYPDH
MKQHDFFKSAMPEGYVQERTIFFKDDGNYKTRAEVKFEGDTLVNRIELKGIDFKEDGNILGHKLEYNYNSHNVYIMADKQ
KNGIKVNFKIRHNIEDGSVHLADHYQQNTPIGDGPVLLPDNHYLSTQSALSKDPNEKRDHMVLLEFVTAAGITHGMDELY
KGLEVLFQGPSHHHHHH
;
A
2 'polypeptide(L)'
;GSMADVQLVESGGGLVQAGGSLRLSCAASGPTGAMAWFRQAPGKEREFVGGISGSETDTYYVDSVKGRFTVDRDNVKNTV
YLQMNSLKPEDTAVYYCAARRRITLFTSRTDYDFWGRGTQVTVGLEVLFQGPSLEHHHHHH
;
B
#
# COMPACT_ATOMS: atom_id res chain seq x y z
N SER A 3 26.52 7.45 -4.64
CA SER A 3 25.95 6.20 -5.16
C SER A 3 25.68 6.32 -6.65
N LYS A 4 25.48 5.18 -7.32
CA LYS A 4 25.20 5.21 -8.74
C LYS A 4 23.79 5.74 -9.02
N GLY A 5 22.79 5.17 -8.36
CA GLY A 5 21.42 5.62 -8.57
C GLY A 5 21.19 7.05 -8.15
N GLU A 6 21.73 7.43 -6.98
CA GLU A 6 21.57 8.81 -6.50
C GLU A 6 22.02 9.81 -7.55
N GLU A 7 23.10 9.50 -8.27
CA GLU A 7 23.65 10.46 -9.23
C GLU A 7 22.68 10.72 -10.38
N LEU A 8 21.78 9.77 -10.67
CA LEU A 8 20.80 9.98 -11.72
C LEU A 8 19.79 11.06 -11.39
N PHE A 9 19.76 11.53 -10.14
CA PHE A 9 18.73 12.45 -9.67
C PHE A 9 19.32 13.78 -9.19
N THR A 10 20.59 14.06 -9.52
CA THR A 10 21.21 15.31 -9.09
C THR A 10 20.54 16.52 -9.72
N GLY A 11 19.87 16.36 -10.84
CA GLY A 11 19.17 17.45 -11.49
C GLY A 11 17.72 17.11 -11.78
N VAL A 12 17.06 17.92 -12.61
CA VAL A 12 15.69 17.64 -13.01
C VAL A 12 15.70 16.56 -14.08
N VAL A 13 14.86 15.56 -13.91
CA VAL A 13 14.74 14.47 -14.91
C VAL A 13 13.29 14.44 -15.38
N PRO A 14 13.04 14.28 -16.67
CA PRO A 14 11.64 14.22 -17.15
C PRO A 14 10.97 12.90 -16.77
N ILE A 15 9.66 12.97 -16.63
CA ILE A 15 8.85 11.84 -16.17
C ILE A 15 7.74 11.59 -17.17
N LEU A 16 7.52 10.32 -17.50
CA LEU A 16 6.36 9.87 -18.26
C LEU A 16 5.61 8.85 -17.41
N VAL A 17 4.27 8.95 -17.41
CA VAL A 17 3.43 8.05 -16.64
C VAL A 17 2.34 7.55 -17.56
N GLU A 18 2.10 6.24 -17.53
CA GLU A 18 1.07 5.61 -18.36
C GLU A 18 0.32 4.61 -17.51
N LEU A 19 -1.01 4.70 -17.50
CA LEU A 19 -1.84 3.84 -16.67
C LEU A 19 -2.96 3.24 -17.50
N ASP A 20 -3.12 1.93 -17.42
CA ASP A 20 -4.28 1.21 -17.95
C ASP A 20 -5.10 0.74 -16.76
N GLY A 21 -6.38 1.12 -16.71
CA GLY A 21 -7.20 0.86 -15.55
C GLY A 21 -8.52 0.20 -15.92
N ASP A 22 -9.02 -0.60 -14.97
CA ASP A 22 -10.32 -1.27 -15.10
C ASP A 22 -10.95 -1.24 -13.72
N VAL A 23 -11.92 -0.35 -13.52
CA VAL A 23 -12.59 -0.17 -12.23
C VAL A 23 -14.04 -0.59 -12.41
N ASN A 24 -14.42 -1.71 -11.79
CA ASN A 24 -15.78 -2.23 -11.89
C ASN A 24 -16.15 -2.49 -13.34
N GLY A 25 -15.20 -3.04 -14.11
CA GLY A 25 -15.38 -3.27 -15.51
C GLY A 25 -15.25 -2.05 -16.38
N HIS A 26 -15.24 -0.85 -15.80
CA HIS A 26 -15.10 0.38 -16.57
C HIS A 26 -13.63 0.58 -16.92
N LYS A 27 -13.29 0.50 -18.20
CA LYS A 27 -11.91 0.56 -18.65
C LYS A 27 -11.56 1.99 -19.06
N PHE A 28 -10.29 2.35 -18.81
CA PHE A 28 -9.80 3.66 -19.21
C PHE A 28 -8.27 3.61 -19.28
N SER A 29 -7.71 4.67 -19.87
CA SER A 29 -6.27 4.83 -19.96
C SER A 29 -5.93 6.28 -19.71
N VAL A 30 -4.83 6.52 -19.01
CA VAL A 30 -4.38 7.86 -18.67
C VAL A 30 -2.92 8.00 -19.04
N SER A 31 -2.57 9.14 -19.64
CA SER A 31 -1.20 9.47 -20.00
C SER A 31 -0.81 10.78 -19.34
N GLY A 32 0.40 10.83 -18.78
CA GLY A 32 0.83 12.00 -18.07
C GLY A 32 2.32 12.24 -18.28
N GLU A 33 2.70 13.51 -18.12
CA GLU A 33 4.07 13.94 -18.33
C GLU A 33 4.45 14.99 -17.30
N GLY A 34 5.75 15.09 -17.04
CA GLY A 34 6.22 16.19 -16.22
C GLY A 34 7.70 16.07 -15.95
N GLU A 35 8.10 16.54 -14.77
CA GLU A 35 9.50 16.46 -14.37
C GLU A 35 9.61 16.38 -12.86
N GLY A 36 10.68 15.73 -12.42
CA GLY A 36 10.98 15.61 -11.01
C GLY A 36 12.35 16.21 -10.71
N ASP A 37 12.46 16.78 -9.51
CA ASP A 37 13.71 17.37 -9.04
C ASP A 37 13.85 16.94 -7.58
N ALA A 38 14.68 15.91 -7.34
CA ALA A 38 14.88 15.37 -6.00
C ALA A 38 15.72 16.28 -5.12
N THR A 39 16.39 17.28 -5.70
CA THR A 39 17.12 18.25 -4.89
C THR A 39 16.15 19.07 -4.04
N TYR A 40 14.99 19.41 -4.60
CA TYR A 40 13.94 20.09 -3.86
C TYR A 40 12.90 19.14 -3.28
N GLY A 41 12.90 17.89 -3.73
CA GLY A 41 11.81 16.99 -3.41
C GLY A 41 10.52 17.38 -4.11
N LYS A 42 10.60 17.82 -5.36
CA LYS A 42 9.46 18.37 -6.06
C LYS A 42 9.11 17.53 -7.28
N LEU A 43 7.80 17.33 -7.47
CA LEU A 43 7.24 16.69 -8.65
C LEU A 43 6.25 17.64 -9.30
N THR A 44 6.30 17.75 -10.63
CA THR A 44 5.30 18.50 -11.38
C THR A 44 4.82 17.63 -12.53
N LEU A 45 3.52 17.37 -12.58
CA LEU A 45 2.96 16.47 -13.58
C LEU A 45 1.62 16.96 -14.06
N LYS A 46 1.29 16.63 -15.32
CA LYS A 46 -0.05 16.83 -15.86
C LYS A 46 -0.49 15.54 -16.52
N PHE A 47 -1.71 15.12 -16.23
CA PHE A 47 -2.30 13.90 -16.78
C PHE A 47 -3.54 14.24 -17.57
N ILE A 48 -3.76 13.49 -18.65
CA ILE A 48 -5.03 13.50 -19.38
C ILE A 48 -5.58 12.07 -19.46
N CYS A 49 -6.90 11.96 -19.40
CA CYS A 49 -7.58 10.72 -19.72
C CYS A 49 -7.82 10.65 -21.22
N THR A 50 -7.20 9.67 -21.88
CA THR A 50 -7.24 9.56 -23.32
C THR A 50 -8.47 8.82 -23.84
N THR A 51 -9.28 8.24 -22.95
CA THR A 51 -10.45 7.48 -23.36
C THR A 51 -11.75 8.25 -23.15
N GLY A 52 -11.68 9.52 -22.76
CA GLY A 52 -12.86 10.31 -22.52
C GLY A 52 -12.93 10.87 -21.13
N LYS A 53 -14.04 10.60 -20.42
CA LYS A 53 -14.21 11.05 -19.04
C LYS A 53 -13.69 9.98 -18.09
N LEU A 54 -12.90 10.41 -17.12
CA LEU A 54 -12.44 9.50 -16.08
C LEU A 54 -13.63 9.01 -15.26
N PRO A 55 -13.79 7.69 -15.08
CA PRO A 55 -14.97 7.19 -14.36
C PRO A 55 -14.84 7.25 -12.85
N VAL A 56 -13.70 7.67 -12.32
CA VAL A 56 -13.51 7.82 -10.88
C VAL A 56 -12.89 9.19 -10.62
N PRO A 57 -12.95 9.65 -9.37
CA PRO A 57 -12.39 10.99 -9.07
C PRO A 57 -10.88 11.01 -9.20
N TRP A 58 -10.38 12.09 -9.79
CA TRP A 58 -8.94 12.26 -9.96
C TRP A 58 -8.17 12.08 -8.65
N PRO A 59 -8.60 12.65 -7.53
CA PRO A 59 -7.81 12.52 -6.30
C PRO A 59 -7.52 11.08 -5.91
N THR A 60 -8.43 10.16 -6.19
CA THR A 60 -8.21 8.77 -5.79
C THR A 60 -6.99 8.16 -6.46
N LEU A 61 -6.51 8.75 -7.55
CA LEU A 61 -5.38 8.23 -8.30
C LEU A 61 -4.08 8.96 -8.02
N VAL A 62 -4.11 10.02 -7.21
CA VAL A 62 -2.91 10.80 -6.93
C VAL A 62 -1.78 9.89 -6.46
N THR A 63 -2.07 9.02 -5.49
CA THR A 63 -1.04 8.16 -4.93
C THR A 63 -0.51 7.16 -5.95
N THR A 64 -1.34 6.76 -6.91
CA THR A 64 -0.93 5.75 -7.88
C THR A 64 0.01 6.34 -8.92
N PHE A 65 -0.31 7.51 -9.44
CA PHE A 65 0.51 8.12 -10.48
C PHE A 65 1.91 8.40 -9.96
N VAL A 67 6.04 8.03 -8.20
CA VAL A 67 7.48 8.04 -8.46
C VAL A 67 8.19 8.64 -7.24
N GLN A 68 8.21 7.87 -6.16
CA GLN A 68 8.77 8.32 -4.89
C GLN A 68 10.28 8.36 -4.87
N CYS A 69 10.94 7.93 -5.96
CA CYS A 69 12.37 8.12 -6.09
C CYS A 69 12.76 9.60 -6.14
N PHE A 70 11.79 10.49 -6.23
CA PHE A 70 12.03 11.93 -6.28
C PHE A 70 11.93 12.60 -4.91
N ALA A 71 11.70 11.81 -3.86
CA ALA A 71 11.73 12.38 -2.52
C ALA A 71 13.08 13.02 -2.26
N ARG A 72 13.08 14.14 -1.54
CA ARG A 72 14.32 14.71 -1.05
C ARG A 72 14.69 14.00 0.24
N TYR A 73 15.81 13.27 0.23
CA TYR A 73 16.32 12.65 1.44
C TYR A 73 17.38 13.56 2.05
N PRO A 74 17.22 14.00 3.30
CA PRO A 74 18.22 14.90 3.89
C PRO A 74 19.63 14.34 3.78
N ASP A 75 20.63 15.22 3.89
CA ASP A 75 22.01 14.81 3.63
C ASP A 75 22.45 13.70 4.57
N HIS A 76 22.02 13.74 5.83
CA HIS A 76 22.38 12.71 6.78
C HIS A 76 21.59 11.42 6.63
N MET A 77 20.75 11.31 5.60
CA MET A 77 19.87 10.15 5.44
C MET A 77 20.02 9.45 4.10
N LYS A 78 21.01 9.83 3.28
CA LYS A 78 21.05 9.32 1.91
C LYS A 78 21.16 7.80 1.86
N GLN A 79 21.65 7.16 2.93
CA GLN A 79 21.79 5.71 2.92
C GLN A 79 20.50 4.97 3.22
N HIS A 80 19.39 5.68 3.45
CA HIS A 80 18.10 5.06 3.66
C HIS A 80 17.17 5.19 2.46
N ASP A 81 17.68 5.66 1.32
CA ASP A 81 16.83 5.96 0.16
C ASP A 81 16.79 4.74 -0.74
N PHE A 82 15.92 3.79 -0.37
CA PHE A 82 15.73 2.59 -1.18
C PHE A 82 15.44 2.95 -2.63
N PHE A 83 14.57 3.94 -2.84
CA PHE A 83 14.07 4.23 -4.18
C PHE A 83 15.21 4.55 -5.14
N LYS A 84 16.04 5.54 -4.79
CA LYS A 84 17.13 5.93 -5.68
C LYS A 84 18.16 4.81 -5.81
N SER A 85 18.41 4.08 -4.72
CA SER A 85 19.44 3.05 -4.75
C SER A 85 19.06 1.87 -5.61
N ALA A 86 17.77 1.68 -5.91
CA ALA A 86 17.34 0.61 -6.81
C ALA A 86 17.41 1.03 -8.28
N MET A 87 17.71 2.29 -8.57
CA MET A 87 17.81 2.83 -9.91
C MET A 87 19.23 2.60 -10.46
N PRO A 88 19.41 2.50 -11.80
CA PRO A 88 18.44 2.62 -12.89
C PRO A 88 17.62 1.36 -13.13
N GLU A 89 17.96 0.27 -12.45
CA GLU A 89 17.19 -0.95 -12.61
C GLU A 89 15.72 -0.71 -12.27
N GLY A 90 15.46 0.14 -11.28
CA GLY A 90 14.10 0.54 -10.94
C GLY A 90 13.45 -0.41 -9.96
N TYR A 91 12.16 -0.19 -9.71
CA TYR A 91 11.46 -1.08 -8.80
C TYR A 91 10.04 -1.36 -9.25
N VAL A 92 9.53 -2.50 -8.78
CA VAL A 92 8.11 -2.83 -8.87
C VAL A 92 7.44 -2.34 -7.61
N GLN A 93 6.33 -1.62 -7.79
CA GLN A 93 5.53 -1.02 -6.74
C GLN A 93 4.15 -1.64 -6.82
N GLU A 94 3.83 -2.58 -5.93
CA GLU A 94 2.50 -3.17 -5.88
C GLU A 94 1.76 -2.64 -4.67
N ARG A 95 0.48 -2.34 -4.84
CA ARG A 95 -0.24 -1.69 -3.75
C ARG A 95 -1.71 -2.02 -3.82
N THR A 96 -2.32 -2.09 -2.65
CA THR A 96 -3.76 -2.23 -2.52
C THR A 96 -4.29 -1.06 -1.70
N ILE A 97 -5.30 -0.39 -2.23
CA ILE A 97 -5.91 0.78 -1.63
C ILE A 97 -7.35 0.40 -1.32
N PHE A 98 -7.68 0.35 -0.03
CA PHE A 98 -9.00 -0.09 0.41
C PHE A 98 -9.81 1.14 0.82
N PHE A 99 -10.88 1.40 0.07
CA PHE A 99 -11.77 2.52 0.33
C PHE A 99 -12.82 2.09 1.34
N LYS A 100 -12.92 2.86 2.42
CA LYS A 100 -13.84 2.58 3.52
C LYS A 100 -15.26 2.36 3.02
N ASP A 101 -15.82 1.21 3.38
CA ASP A 101 -17.22 0.88 3.06
C ASP A 101 -17.48 0.94 1.56
N ASP A 102 -16.47 0.61 0.76
CA ASP A 102 -16.60 0.69 -0.69
C ASP A 102 -15.58 -0.26 -1.31
N GLY A 103 -15.31 -0.10 -2.60
CA GLY A 103 -14.46 -1.01 -3.33
C GLY A 103 -12.99 -0.80 -3.03
N ASN A 104 -12.15 -1.46 -3.83
CA ASN A 104 -10.71 -1.40 -3.63
C ASN A 104 -9.99 -1.33 -4.98
N TYR A 105 -8.83 -0.65 -4.95
CA TYR A 105 -7.89 -0.63 -6.06
C TYR A 105 -6.76 -1.61 -5.79
N LYS A 106 -6.29 -2.28 -6.84
CA LYS A 106 -5.06 -3.05 -6.82
C LYS A 106 -4.19 -2.57 -7.96
N THR A 107 -2.94 -2.24 -7.66
CA THR A 107 -2.05 -1.57 -8.60
C THR A 107 -0.73 -2.32 -8.67
N ARG A 108 -0.22 -2.47 -9.89
CA ARG A 108 1.16 -2.89 -10.10
C ARG A 108 1.82 -1.89 -11.03
N ALA A 109 2.93 -1.29 -10.59
CA ALA A 109 3.66 -0.34 -11.40
C ALA A 109 5.13 -0.75 -11.50
N GLU A 110 5.71 -0.48 -12.64
CA GLU A 110 7.17 -0.58 -12.83
C GLU A 110 7.71 0.82 -13.05
N VAL A 111 8.68 1.23 -12.23
CA VAL A 111 9.25 2.57 -12.32
C VAL A 111 10.74 2.42 -12.60
N LYS A 112 11.13 2.81 -13.81
CA LYS A 112 12.49 2.60 -14.29
C LYS A 112 12.91 3.76 -15.17
N PHE A 113 14.19 3.83 -15.49
CA PHE A 113 14.67 4.75 -16.50
C PHE A 113 14.53 4.12 -17.88
N GLU A 114 14.01 4.89 -18.82
CA GLU A 114 14.07 4.61 -20.25
C GLU A 114 14.78 5.80 -20.87
N GLY A 115 15.99 5.58 -21.37
CA GLY A 115 16.81 6.70 -21.77
C GLY A 115 17.09 7.58 -20.57
N ASP A 116 16.92 8.89 -20.75
CA ASP A 116 17.06 9.86 -19.68
C ASP A 116 15.73 10.15 -18.98
N THR A 117 14.67 9.43 -19.32
CA THR A 117 13.33 9.72 -18.82
C THR A 117 12.91 8.66 -17.81
N LEU A 118 12.41 9.10 -16.65
CA LEU A 118 11.90 8.19 -15.63
C LEU A 118 10.45 7.88 -15.94
N VAL A 119 10.13 6.60 -16.11
CA VAL A 119 8.83 6.14 -16.55
C VAL A 119 8.20 5.30 -15.44
N ASN A 120 6.91 5.56 -15.20
CA ASN A 120 6.10 4.85 -14.22
C ASN A 120 4.92 4.24 -14.97
N ARG A 121 5.00 2.93 -15.23
CA ARG A 121 4.01 2.21 -16.02
C ARG A 121 3.10 1.42 -15.08
N ILE A 122 1.81 1.74 -15.09
CA ILE A 122 0.90 1.26 -14.06
C ILE A 122 -0.22 0.41 -14.66
N GLU A 123 -0.62 -0.60 -13.89
CA GLU A 123 -1.79 -1.43 -14.14
C GLU A 123 -2.70 -1.34 -12.93
N LEU A 124 -3.97 -0.99 -13.14
CA LEU A 124 -4.91 -0.76 -12.06
C LEU A 124 -6.18 -1.58 -12.27
N LYS A 125 -6.55 -2.37 -11.27
CA LYS A 125 -7.78 -3.16 -11.27
C LYS A 125 -8.61 -2.75 -10.05
N GLY A 126 -9.82 -2.26 -10.27
CA GLY A 126 -10.68 -1.81 -9.20
C GLY A 126 -11.97 -2.62 -9.17
N ILE A 127 -12.38 -3.02 -7.96
CA ILE A 127 -13.55 -3.90 -7.84
C ILE A 127 -14.36 -3.60 -6.59
N ASP A 128 -15.63 -4.05 -6.63
CA ASP A 128 -16.58 -4.00 -5.53
C ASP A 128 -16.96 -2.57 -5.14
N PHE A 129 -16.94 -1.65 -6.10
CA PHE A 129 -17.26 -0.27 -5.82
C PHE A 129 -18.77 -0.04 -5.93
N LYS A 130 -19.31 0.74 -5.00
CA LYS A 130 -20.71 1.14 -5.08
C LYS A 130 -20.90 2.04 -6.29
N GLU A 131 -21.82 1.66 -7.19
CA GLU A 131 -21.94 2.39 -8.45
C GLU A 131 -22.37 3.84 -8.23
N ASP A 132 -23.09 4.12 -7.14
CA ASP A 132 -23.37 5.48 -6.72
C ASP A 132 -22.59 5.86 -5.47
N GLY A 133 -21.51 5.15 -5.18
CA GLY A 133 -20.65 5.51 -4.09
C GLY A 133 -19.96 6.85 -4.34
N ASN A 134 -19.04 7.17 -3.44
CA ASN A 134 -18.32 8.43 -3.57
C ASN A 134 -17.35 8.43 -4.74
N ILE A 135 -16.98 7.26 -5.25
CA ILE A 135 -16.00 7.15 -6.32
C ILE A 135 -16.72 7.29 -7.66
N LEU A 136 -17.44 6.24 -8.07
CA LEU A 136 -18.19 6.34 -9.33
C LEU A 136 -19.24 7.45 -9.28
N GLY A 137 -19.67 7.86 -8.09
CA GLY A 137 -20.57 8.99 -7.97
C GLY A 137 -19.92 10.34 -8.08
N HIS A 138 -18.59 10.39 -8.16
CA HIS A 138 -17.86 11.64 -8.29
C HIS A 138 -18.29 12.64 -7.21
N LYS A 139 -18.21 12.19 -5.97
CA LYS A 139 -18.62 12.98 -4.82
C LYS A 139 -17.44 13.62 -4.10
N LEU A 140 -16.22 13.46 -4.60
CA LEU A 140 -15.04 13.92 -3.90
C LEU A 140 -14.71 15.36 -4.28
N GLU A 141 -14.36 16.16 -3.28
CA GLU A 141 -13.79 17.47 -3.55
C GLU A 141 -12.45 17.33 -4.26
N TYR A 142 -12.13 18.32 -5.09
CA TYR A 142 -10.91 18.30 -5.89
C TYR A 142 -9.80 19.01 -5.11
N ASN A 143 -9.26 18.32 -4.12
CA ASN A 143 -8.20 18.87 -3.29
C ASN A 143 -7.44 17.72 -2.62
N TYR A 144 -6.46 18.09 -1.80
CA TYR A 144 -5.57 17.12 -1.17
C TYR A 144 -4.90 17.79 0.02
N ASN A 145 -4.59 16.98 1.02
CA ASN A 145 -3.96 17.45 2.25
C ASN A 145 -2.55 16.89 2.36
N SER A 146 -1.92 17.14 3.51
CA SER A 146 -0.57 16.66 3.79
C SER A 146 -0.63 15.35 4.55
N HIS A 147 0.28 14.43 4.24
CA HIS A 147 0.29 13.13 4.90
C HIS A 147 1.71 12.69 5.17
N ASN A 148 1.83 11.69 6.05
CA ASN A 148 3.09 11.02 6.36
C ASN A 148 3.03 9.58 5.88
N VAL A 149 4.02 9.18 5.10
CA VAL A 149 4.12 7.84 4.53
C VAL A 149 5.13 7.06 5.36
N TYR A 150 4.69 5.97 5.99
CA TYR A 150 5.53 5.22 6.91
C TYR A 150 6.26 4.11 6.16
N ILE A 151 7.59 4.06 6.32
CA ILE A 151 8.45 3.16 5.58
C ILE A 151 9.22 2.28 6.56
N MET A 152 9.23 0.98 6.30
CA MET A 152 10.11 0.04 6.99
C MET A 152 10.72 -0.90 5.97
N ALA A 153 11.88 -1.46 6.31
CA ALA A 153 12.54 -2.40 5.41
C ALA A 153 11.83 -3.74 5.42
N ASP A 154 12.02 -4.52 4.35
CA ASP A 154 11.50 -5.88 4.23
C ASP A 154 12.64 -6.70 3.64
N LYS A 155 13.48 -7.26 4.53
CA LYS A 155 14.63 -8.04 4.08
C LYS A 155 14.19 -9.28 3.32
N GLN A 156 13.05 -9.87 3.69
CA GLN A 156 12.59 -11.09 3.02
C GLN A 156 12.55 -10.92 1.51
N LYS A 157 12.17 -9.72 1.05
CA LYS A 157 12.03 -9.43 -0.38
C LYS A 157 13.14 -8.53 -0.90
N ASN A 158 14.18 -8.29 -0.10
CA ASN A 158 15.19 -7.27 -0.40
C ASN A 158 14.50 -5.99 -0.89
N GLY A 159 13.44 -5.61 -0.17
CA GLY A 159 12.66 -4.46 -0.55
C GLY A 159 12.15 -3.66 0.63
N ILE A 160 11.00 -3.01 0.47
CA ILE A 160 10.45 -2.19 1.55
C ILE A 160 8.94 -2.36 1.62
N LYS A 161 8.42 -2.26 2.84
CA LYS A 161 6.99 -2.26 3.14
C LYS A 161 6.61 -0.87 3.62
N VAL A 162 5.50 -0.35 3.09
CA VAL A 162 5.14 1.04 3.29
C VAL A 162 3.64 1.14 3.45
N ASN A 163 3.21 1.99 4.38
CA ASN A 163 1.78 2.08 4.67
C ASN A 163 1.41 3.51 5.03
N PHE A 164 0.14 3.84 4.80
CA PHE A 164 -0.41 5.13 5.20
C PHE A 164 -1.92 5.10 4.99
N LYS A 165 -2.57 6.22 5.32
CA LYS A 165 -4.02 6.35 5.16
C LYS A 165 -4.31 7.71 4.55
N ILE A 166 -4.95 7.71 3.39
CA ILE A 166 -5.30 8.93 2.69
C ILE A 166 -6.67 9.40 3.14
N ARG A 167 -6.83 10.71 3.24
CA ARG A 167 -8.01 11.36 3.74
C ARG A 167 -8.60 12.20 2.61
N HIS A 168 -9.61 11.67 1.93
CA HIS A 168 -10.23 12.37 0.80
C HIS A 168 -11.44 13.14 1.31
N ASN A 169 -11.44 14.46 1.11
CA ASN A 169 -12.55 15.28 1.55
C ASN A 169 -13.76 15.03 0.67
N ILE A 170 -14.93 14.83 1.29
CA ILE A 170 -16.17 14.60 0.55
C ILE A 170 -16.93 15.92 0.45
N GLU A 171 -17.76 16.03 -0.58
CA GLU A 171 -18.46 17.28 -0.88
C GLU A 171 -19.50 17.63 0.18
N ASP A 172 -19.96 16.66 0.97
CA ASP A 172 -20.92 16.92 2.03
C ASP A 172 -20.27 17.29 3.35
N GLY A 173 -18.96 17.53 3.36
CA GLY A 173 -18.23 17.85 4.56
C GLY A 173 -17.55 16.67 5.23
N SER A 174 -17.95 15.45 4.90
CA SER A 174 -17.38 14.26 5.50
C SER A 174 -16.01 13.96 4.90
N VAL A 175 -15.40 12.86 5.35
CA VAL A 175 -14.10 12.44 4.87
C VAL A 175 -14.14 10.93 4.62
N HIS A 176 -13.52 10.50 3.53
CA HIS A 176 -13.44 9.09 3.16
C HIS A 176 -11.99 8.64 3.31
N LEU A 177 -11.78 7.59 4.09
CA LEU A 177 -10.43 7.08 4.34
C LEU A 177 -10.10 5.99 3.32
N ALA A 178 -8.93 6.10 2.71
CA ALA A 178 -8.40 5.09 1.80
C ALA A 178 -7.14 4.53 2.43
N ASP A 179 -7.23 3.31 2.95
CA ASP A 179 -6.08 2.70 3.62
C ASP A 179 -5.14 2.14 2.56
N HIS A 180 -3.92 2.69 2.50
CA HIS A 180 -2.93 2.39 1.49
C HIS A 180 -1.88 1.44 2.05
N TYR A 181 -1.74 0.27 1.42
CA TYR A 181 -0.66 -0.66 1.72
C TYR A 181 0.12 -0.90 0.44
N GLN A 182 1.43 -0.61 0.46
CA GLN A 182 2.23 -0.79 -0.75
C GLN A 182 3.58 -1.42 -0.40
N GLN A 183 4.10 -2.17 -1.37
CA GLN A 183 5.35 -2.89 -1.25
C GLN A 183 6.20 -2.60 -2.48
N ASN A 184 7.50 -2.41 -2.26
CA ASN A 184 8.43 -2.08 -3.33
C ASN A 184 9.57 -3.08 -3.35
N THR A 185 9.89 -3.60 -4.54
CA THR A 185 10.98 -4.56 -4.68
C THR A 185 11.79 -4.28 -5.94
N PRO A 186 13.12 -4.34 -5.86
CA PRO A 186 13.95 -4.06 -7.04
C PRO A 186 13.83 -5.16 -8.08
N ILE A 187 14.01 -4.78 -9.34
CA ILE A 187 14.05 -5.77 -10.42
C ILE A 187 15.47 -6.26 -10.66
N GLY A 188 16.44 -5.37 -10.62
CA GLY A 188 17.80 -5.71 -10.96
C GLY A 188 18.47 -6.53 -9.87
N ASP A 189 19.75 -6.76 -10.08
CA ASP A 189 20.56 -7.54 -9.14
C ASP A 189 21.57 -6.70 -8.38
N GLY A 190 21.80 -5.46 -8.79
CA GLY A 190 22.69 -4.57 -8.07
C GLY A 190 22.24 -4.42 -6.64
N PRO A 191 23.17 -4.13 -5.73
CA PRO A 191 22.79 -3.97 -4.33
C PRO A 191 21.89 -2.76 -4.12
N VAL A 192 21.07 -2.83 -3.08
CA VAL A 192 20.13 -1.78 -2.73
C VAL A 192 20.20 -1.56 -1.23
N LEU A 193 19.87 -0.34 -0.80
CA LEU A 193 19.79 -0.04 0.63
C LEU A 193 18.41 -0.41 1.16
N LEU A 194 18.39 -1.17 2.26
CA LEU A 194 17.18 -1.41 3.01
C LEU A 194 17.20 -0.52 4.25
N PRO A 195 16.30 0.46 4.38
CA PRO A 195 16.47 1.49 5.38
C PRO A 195 15.86 1.16 6.74
N ASP A 196 16.39 1.84 7.76
CA ASP A 196 15.72 1.89 9.04
C ASP A 196 14.36 2.55 8.88
N ASN A 197 13.45 2.29 9.82
CA ASN A 197 12.12 2.87 9.72
C ASN A 197 12.19 4.39 9.68
N HIS A 198 11.43 4.98 8.78
CA HIS A 198 11.36 6.44 8.68
C HIS A 198 10.05 6.80 7.98
N TYR A 199 9.93 8.03 7.50
CA TYR A 199 8.71 8.42 6.81
C TYR A 199 9.01 9.54 5.82
N LEU A 200 8.04 9.76 4.94
CA LEU A 200 8.08 10.84 3.97
C LEU A 200 6.91 11.78 4.24
N SER A 201 7.21 13.05 4.49
CA SER A 201 6.19 14.09 4.58
C SER A 201 5.86 14.53 3.16
N THR A 202 4.59 14.40 2.78
CA THR A 202 4.14 14.70 1.44
C THR A 202 3.04 15.76 1.46
N GLN A 203 3.13 16.70 0.52
CA GLN A 203 2.18 17.76 0.31
C GLN A 203 1.82 17.79 -1.17
N SER A 204 0.52 17.94 -1.46
CA SER A 204 0.04 17.92 -2.83
C SER A 204 -0.90 19.09 -3.08
N ALA A 205 -0.89 19.56 -4.33
CA ALA A 205 -1.80 20.60 -4.79
C ALA A 205 -2.28 20.24 -6.18
N LEU A 206 -3.59 20.14 -6.34
CA LEU A 206 -4.22 19.82 -7.61
C LEU A 206 -4.78 21.09 -8.24
N SER A 207 -4.72 21.15 -9.57
CA SER A 207 -5.24 22.30 -10.29
C SER A 207 -5.65 21.87 -11.69
N LYS A 208 -6.21 22.81 -12.43
CA LYS A 208 -6.67 22.60 -13.81
C LYS A 208 -5.92 23.56 -14.72
N ASP A 209 -5.51 23.07 -15.87
CA ASP A 209 -4.99 23.94 -16.93
C ASP A 209 -6.17 24.47 -17.73
N PRO A 210 -6.43 25.78 -17.71
CA PRO A 210 -7.64 26.29 -18.38
C PRO A 210 -7.70 26.00 -19.87
N ASN A 211 -6.58 25.68 -20.50
CA ASN A 211 -6.52 25.45 -21.94
C ASN A 211 -6.59 23.98 -22.31
N GLU A 212 -6.88 23.10 -21.36
CA GLU A 212 -6.92 21.65 -21.60
C GLU A 212 -8.37 21.24 -21.78
N LYS A 213 -8.79 21.14 -23.05
CA LYS A 213 -10.16 20.75 -23.35
C LYS A 213 -10.45 19.33 -22.95
N ARG A 214 -9.41 18.51 -22.74
CA ARG A 214 -9.54 17.12 -22.36
C ARG A 214 -9.61 17.00 -20.84
N ASP A 215 -10.38 16.01 -20.38
CA ASP A 215 -10.42 15.70 -18.94
C ASP A 215 -9.00 15.46 -18.44
N HIS A 216 -8.61 16.17 -17.40
CA HIS A 216 -7.20 16.25 -17.03
C HIS A 216 -7.05 16.58 -15.55
N MET A 217 -5.80 16.51 -15.10
CA MET A 217 -5.41 16.95 -13.76
C MET A 217 -3.99 17.50 -13.81
N VAL A 218 -3.73 18.55 -13.05
CA VAL A 218 -2.37 19.06 -12.85
C VAL A 218 -2.03 18.83 -11.38
N LEU A 219 -0.89 18.16 -11.14
CA LEU A 219 -0.48 17.78 -9.80
C LEU A 219 0.89 18.35 -9.50
N LEU A 220 1.03 18.99 -8.34
CA LEU A 220 2.31 19.44 -7.83
C LEU A 220 2.52 18.81 -6.45
N GLU A 221 3.68 18.18 -6.25
CA GLU A 221 3.96 17.53 -4.98
C GLU A 221 5.31 17.95 -4.43
N PHE A 222 5.37 18.07 -3.11
CA PHE A 222 6.59 18.27 -2.35
C PHE A 222 6.71 17.13 -1.35
N VAL A 223 7.82 16.40 -1.39
CA VAL A 223 7.99 15.21 -0.58
C VAL A 223 9.40 15.22 0.01
N THR A 224 9.49 15.06 1.33
CA THR A 224 10.78 15.09 2.01
C THR A 224 10.85 14.01 3.08
N ALA A 225 11.99 13.32 3.15
CA ALA A 225 12.15 12.24 4.11
C ALA A 225 12.56 12.78 5.48
N ALA A 226 12.14 12.06 6.51
CA ALA A 226 12.44 12.42 7.89
C ALA A 226 12.22 11.20 8.76
N GLY A 227 12.53 11.35 10.06
CA GLY A 227 12.12 10.36 11.05
C GLY A 227 13.18 9.45 11.60
N ILE A 228 14.46 9.85 11.60
CA ILE A 228 15.48 9.05 12.25
C ILE A 228 16.35 9.92 13.16
N THR A 229 16.71 11.11 12.68
CA THR A 229 17.72 11.93 13.33
C THR A 229 19.06 11.18 13.37
N MET B 3 0.14 -33.15 -0.58
CA MET B 3 -0.67 -32.57 0.49
C MET B 3 -0.04 -31.28 0.99
N ALA B 4 1.29 -31.24 0.98
CA ALA B 4 2.03 -30.08 1.48
C ALA B 4 2.35 -29.13 0.35
N ASP B 5 3.44 -28.38 0.46
CA ASP B 5 3.91 -27.47 -0.58
C ASP B 5 2.89 -26.39 -0.91
N VAL B 6 2.08 -25.99 0.06
CA VAL B 6 1.21 -24.83 -0.07
C VAL B 6 1.84 -23.68 0.69
N GLN B 7 1.91 -22.52 0.05
CA GLN B 7 2.57 -21.35 0.60
C GLN B 7 1.54 -20.31 1.05
N LEU B 8 1.93 -19.48 2.00
CA LEU B 8 1.11 -18.40 2.51
C LEU B 8 1.85 -17.09 2.29
N VAL B 9 1.19 -16.13 1.64
CA VAL B 9 1.80 -14.84 1.32
C VAL B 9 1.03 -13.76 2.08
N GLU B 10 1.72 -13.08 3.00
CA GLU B 10 1.12 -12.02 3.78
C GLU B 10 1.31 -10.67 3.09
N SER B 11 0.35 -9.78 3.34
CA SER B 11 0.46 -8.38 2.94
C SER B 11 -0.26 -7.53 3.96
N GLY B 12 0.07 -6.25 3.97
CA GLY B 12 -0.54 -5.31 4.90
C GLY B 12 0.30 -5.09 6.15
N GLY B 13 -0.37 -4.63 7.19
CA GLY B 13 0.33 -4.31 8.42
C GLY B 13 1.11 -3.01 8.30
N GLY B 14 2.07 -2.84 9.20
CA GLY B 14 2.93 -1.66 9.21
C GLY B 14 2.74 -0.83 10.47
N LEU B 15 2.87 0.48 10.29
CA LEU B 15 2.88 1.44 11.40
C LEU B 15 1.53 2.14 11.51
N VAL B 16 1.07 2.36 12.74
CA VAL B 16 -0.18 3.08 12.94
C VAL B 16 -0.16 3.76 14.32
N GLN B 17 -0.96 4.82 14.43
CA GLN B 17 -1.11 5.53 15.69
C GLN B 17 -2.14 4.84 16.58
N ALA B 18 -1.87 4.83 17.89
CA ALA B 18 -2.79 4.22 18.84
C ALA B 18 -4.23 4.68 18.57
N GLY B 19 -5.15 3.72 18.59
CA GLY B 19 -6.54 3.99 18.29
C GLY B 19 -6.92 3.84 16.85
N GLY B 20 -5.95 3.69 15.95
CA GLY B 20 -6.22 3.59 14.53
C GLY B 20 -6.66 2.20 14.12
N SER B 21 -6.54 1.93 12.82
CA SER B 21 -6.96 0.67 12.23
C SER B 21 -5.93 0.20 11.21
N LEU B 22 -5.69 -1.10 11.17
CA LEU B 22 -4.82 -1.70 10.17
C LEU B 22 -5.43 -3.01 9.69
N ARG B 23 -5.10 -3.40 8.47
CA ARG B 23 -5.59 -4.63 7.89
C ARG B 23 -4.44 -5.53 7.48
N LEU B 24 -4.56 -6.81 7.81
CA LEU B 24 -3.65 -7.83 7.33
C LEU B 24 -4.40 -8.70 6.31
N SER B 25 -3.67 -9.20 5.32
CA SER B 25 -4.25 -10.09 4.33
C SER B 25 -3.27 -11.22 4.07
N CYS B 26 -3.81 -12.37 3.65
CA CYS B 26 -3.01 -13.57 3.47
C CYS B 26 -3.61 -14.38 2.34
N ALA B 27 -2.77 -14.75 1.37
CA ALA B 27 -3.18 -15.50 0.20
C ALA B 27 -2.51 -16.86 0.20
N ALA B 28 -3.32 -17.90 -0.01
CA ALA B 28 -2.83 -19.27 -0.05
C ALA B 28 -2.67 -19.72 -1.51
N SER B 29 -1.57 -20.43 -1.78
CA SER B 29 -1.31 -20.92 -3.12
C SER B 29 -2.38 -21.90 -3.60
N GLY B 30 -3.15 -22.48 -2.68
CA GLY B 30 -4.18 -23.42 -3.03
C GLY B 30 -5.24 -23.52 -1.96
N PRO B 31 -6.12 -24.52 -2.07
CA PRO B 31 -7.19 -24.66 -1.08
C PRO B 31 -6.63 -25.10 0.26
N THR B 32 -7.33 -24.69 1.33
CA THR B 32 -6.90 -25.03 2.68
C THR B 32 -8.10 -25.03 3.60
N GLY B 33 -7.92 -25.64 4.77
CA GLY B 33 -9.00 -25.77 5.73
C GLY B 33 -9.14 -24.55 6.62
N ALA B 34 -9.22 -24.77 7.94
CA ALA B 34 -9.29 -23.65 8.87
C ALA B 34 -8.10 -22.73 8.68
N MET B 35 -8.35 -21.43 8.77
CA MET B 35 -7.32 -20.41 8.58
C MET B 35 -7.41 -19.40 9.71
N ALA B 36 -6.25 -18.98 10.20
CA ALA B 36 -6.19 -18.19 11.41
C ALA B 36 -5.01 -17.22 11.35
N TRP B 37 -5.03 -16.27 12.28
CA TRP B 37 -3.92 -15.36 12.54
C TRP B 37 -3.44 -15.59 13.96
N PHE B 38 -2.11 -15.60 14.12
CA PHE B 38 -1.38 -15.64 15.37
C PHE B 38 -0.58 -14.35 15.51
N ARG B 39 -0.08 -14.06 16.72
CA ARG B 39 0.81 -12.93 16.91
C ARG B 39 1.92 -13.27 17.88
N GLN B 40 3.04 -12.56 17.73
CA GLN B 40 4.31 -12.82 18.40
C GLN B 40 4.87 -11.49 18.91
N ALA B 41 4.86 -11.31 20.22
CA ALA B 41 5.56 -10.20 20.83
C ALA B 41 7.04 -10.53 20.91
N PRO B 42 7.92 -9.53 21.00
CA PRO B 42 9.36 -9.82 20.84
C PRO B 42 9.91 -10.77 21.88
N GLY B 43 9.47 -10.66 23.13
CA GLY B 43 9.92 -11.55 24.17
C GLY B 43 9.11 -12.83 24.22
N LYS B 44 7.79 -12.71 24.07
CA LYS B 44 6.92 -13.86 24.07
C LYS B 44 7.09 -14.66 22.77
N GLU B 45 6.33 -15.75 22.66
CA GLU B 45 6.35 -16.61 21.49
C GLU B 45 4.92 -16.84 21.04
N ARG B 46 4.75 -17.01 19.72
CA ARG B 46 3.47 -16.77 19.04
C ARG B 46 2.28 -17.30 19.83
N GLU B 47 1.19 -16.54 19.80
CA GLU B 47 -0.08 -16.92 20.40
C GLU B 47 -1.22 -16.60 19.44
N PHE B 48 -2.28 -17.39 19.54
CA PHE B 48 -3.42 -17.30 18.63
C PHE B 48 -4.24 -16.03 18.91
N VAL B 49 -4.59 -15.31 17.84
CA VAL B 49 -5.48 -14.15 17.95
C VAL B 49 -6.87 -14.46 17.41
N GLY B 50 -6.95 -15.11 16.24
CA GLY B 50 -8.29 -15.38 15.74
C GLY B 50 -8.39 -16.09 14.42
N GLY B 51 -9.46 -16.85 14.23
CA GLY B 51 -9.56 -17.63 13.01
C GLY B 51 -10.96 -18.14 12.72
N ILE B 52 -11.07 -18.83 11.58
CA ILE B 52 -12.32 -19.42 11.14
C ILE B 52 -12.06 -20.80 10.56
N SER B 53 -13.01 -21.70 10.75
CA SER B 53 -12.91 -23.06 10.23
C SER B 53 -13.15 -23.09 8.73
N GLY B 54 -12.57 -24.09 8.08
CA GLY B 54 -12.80 -24.26 6.65
C GLY B 54 -14.27 -24.35 6.30
N SER B 55 -15.08 -24.89 7.21
CA SER B 55 -16.53 -24.87 7.03
C SER B 55 -17.09 -23.46 7.15
N GLU B 56 -16.37 -22.54 7.79
CA GLU B 56 -16.82 -21.17 8.03
C GLU B 56 -18.06 -21.11 8.93
N THR B 57 -18.35 -22.22 9.60
CA THR B 57 -19.41 -22.29 10.61
C THR B 57 -18.94 -21.91 11.99
N ASP B 58 -17.63 -21.81 12.20
CA ASP B 58 -17.04 -21.54 13.51
C ASP B 58 -15.99 -20.45 13.38
N THR B 59 -16.17 -19.37 14.13
CA THR B 59 -15.19 -18.30 14.22
C THR B 59 -14.80 -18.10 15.68
N TYR B 60 -13.56 -17.72 15.91
CA TYR B 60 -13.09 -17.58 17.29
C TYR B 60 -12.09 -16.43 17.39
N TYR B 61 -12.26 -15.63 18.45
CA TYR B 61 -11.39 -14.52 18.78
C TYR B 61 -10.98 -14.65 20.25
N VAL B 62 -9.74 -14.29 20.56
CA VAL B 62 -9.35 -14.21 21.96
C VAL B 62 -10.07 -13.05 22.63
N ASP B 63 -10.22 -13.15 23.96
CA ASP B 63 -10.99 -12.14 24.68
C ASP B 63 -10.39 -10.76 24.51
N SER B 64 -9.06 -10.66 24.54
CA SER B 64 -8.40 -9.36 24.46
C SER B 64 -8.60 -8.67 23.11
N VAL B 65 -9.29 -9.30 22.17
CA VAL B 65 -9.46 -8.72 20.84
C VAL B 65 -10.93 -8.68 20.45
N LYS B 66 -11.77 -9.40 21.20
CA LYS B 66 -13.20 -9.43 20.90
C LYS B 66 -13.74 -8.01 20.70
N GLY B 67 -14.47 -7.82 19.60
CA GLY B 67 -15.12 -6.56 19.30
C GLY B 67 -14.32 -5.63 18.42
N ARG B 68 -13.00 -5.77 18.38
CA ARG B 68 -12.15 -4.87 17.58
C ARG B 68 -11.67 -5.50 16.29
N PHE B 69 -11.30 -6.78 16.30
CA PHE B 69 -10.79 -7.43 15.10
C PHE B 69 -11.89 -8.24 14.42
N THR B 70 -11.80 -8.33 13.11
CA THR B 70 -12.75 -9.08 12.29
C THR B 70 -11.98 -9.91 11.27
N VAL B 71 -12.09 -11.23 11.38
CA VAL B 71 -11.53 -12.12 10.37
C VAL B 71 -12.61 -12.42 9.35
N ASP B 72 -12.22 -12.47 8.08
CA ASP B 72 -13.11 -13.00 7.05
C ASP B 72 -12.26 -13.69 6.00
N ARG B 73 -12.91 -14.51 5.18
CA ARG B 73 -12.20 -15.35 4.24
C ARG B 73 -12.95 -15.40 2.92
N ASP B 74 -12.19 -15.59 1.84
CA ASP B 74 -12.70 -15.84 0.51
C ASP B 74 -12.21 -17.23 0.12
N ASN B 75 -13.12 -18.20 0.16
CA ASN B 75 -12.78 -19.58 -0.20
C ASN B 75 -12.41 -19.72 -1.67
N VAL B 76 -12.89 -18.81 -2.52
CA VAL B 76 -12.61 -18.92 -3.95
C VAL B 76 -11.21 -18.41 -4.27
N LYS B 77 -10.89 -17.20 -3.80
CA LYS B 77 -9.55 -16.66 -4.01
C LYS B 77 -8.51 -17.31 -3.12
N ASN B 78 -8.91 -18.19 -2.21
CA ASN B 78 -8.00 -18.80 -1.24
C ASN B 78 -7.30 -17.73 -0.40
N THR B 79 -8.10 -16.80 0.13
CA THR B 79 -7.54 -15.68 0.88
C THR B 79 -8.27 -15.50 2.20
N VAL B 80 -7.61 -14.80 3.12
CA VAL B 80 -8.22 -14.41 4.39
C VAL B 80 -7.67 -13.03 4.76
N TYR B 81 -8.44 -12.29 5.55
CA TYR B 81 -8.01 -10.99 6.01
C TYR B 81 -8.45 -10.77 7.45
N LEU B 82 -7.70 -9.92 8.13
CA LEU B 82 -7.93 -9.54 9.52
C LEU B 82 -7.97 -8.02 9.58
N GLN B 83 -9.16 -7.48 9.84
CA GLN B 83 -9.34 -6.04 10.01
C GLN B 83 -9.24 -5.71 11.50
N MET B 84 -8.29 -4.87 11.86
CA MET B 84 -8.00 -4.52 13.25
C MET B 84 -8.40 -3.07 13.48
N ASN B 85 -9.38 -2.87 14.36
CA ASN B 85 -9.90 -1.56 14.71
C ASN B 85 -9.56 -1.25 16.16
N SER B 86 -9.61 0.03 16.51
CA SER B 86 -9.42 0.50 17.88
C SER B 86 -8.20 -0.16 18.52
N LEU B 87 -7.05 -0.02 17.86
CA LEU B 87 -5.84 -0.66 18.34
C LEU B 87 -5.34 -0.03 19.62
N LYS B 88 -4.68 -0.85 20.44
CA LYS B 88 -4.09 -0.43 21.71
C LYS B 88 -2.58 -0.67 21.67
N PRO B 89 -1.82 -0.10 22.60
CA PRO B 89 -0.37 -0.33 22.59
C PRO B 89 0.02 -1.78 22.65
N GLU B 90 -0.73 -2.60 23.40
CA GLU B 90 -0.37 -3.99 23.62
C GLU B 90 -0.60 -4.87 22.39
N ASP B 91 -1.17 -4.35 21.32
CA ASP B 91 -1.37 -5.12 20.10
C ASP B 91 -0.15 -5.09 19.18
N THR B 92 0.89 -4.35 19.54
CA THR B 92 2.11 -4.32 18.73
C THR B 92 2.79 -5.68 18.73
N ALA B 93 3.07 -6.22 17.55
CA ALA B 93 3.67 -7.55 17.46
C ALA B 93 3.88 -7.91 15.99
N VAL B 94 4.52 -9.05 15.78
CA VAL B 94 4.65 -9.65 14.45
C VAL B 94 3.50 -10.65 14.29
N TYR B 95 2.66 -10.43 13.28
CA TYR B 95 1.49 -11.26 13.06
C TYR B 95 1.78 -12.29 11.97
N TYR B 96 1.37 -13.52 12.21
CA TYR B 96 1.58 -14.62 11.27
C TYR B 96 0.24 -15.16 10.78
N CYS B 97 0.11 -15.31 9.47
CA CYS B 97 -0.96 -16.09 8.89
C CYS B 97 -0.65 -17.57 9.06
N ALA B 98 -1.69 -18.37 9.31
CA ALA B 98 -1.52 -19.80 9.52
C ALA B 98 -2.71 -20.54 8.94
N ALA B 99 -2.44 -21.74 8.43
CA ALA B 99 -3.47 -22.57 7.83
C ALA B 99 -3.16 -24.02 8.12
N ARG B 100 -4.18 -24.86 8.00
CA ARG B 100 -4.04 -26.30 8.21
C ARG B 100 -4.84 -27.04 7.15
N ARG B 101 -4.45 -28.30 6.93
CA ARG B 101 -5.09 -29.10 5.89
C ARG B 101 -6.53 -29.44 6.22
N ARG B 102 -6.86 -29.59 7.50
CA ARG B 102 -8.19 -30.03 7.92
C ARG B 102 -8.99 -28.84 8.45
N ILE B 103 -10.27 -29.08 8.69
CA ILE B 103 -11.20 -27.96 8.83
C ILE B 103 -11.34 -27.45 10.27
N THR B 104 -11.08 -28.29 11.27
CA THR B 104 -11.37 -27.89 12.64
C THR B 104 -10.47 -26.73 13.07
N LEU B 105 -11.10 -25.65 13.54
CA LEU B 105 -10.37 -24.45 13.96
C LEU B 105 -9.78 -24.67 15.35
N PHE B 106 -8.78 -25.54 15.40
CA PHE B 106 -7.94 -25.63 16.59
C PHE B 106 -7.22 -24.29 16.78
N THR B 107 -6.73 -24.07 18.00
CA THR B 107 -6.03 -22.83 18.32
C THR B 107 -4.60 -23.05 18.80
N SER B 108 -4.10 -24.29 18.79
CA SER B 108 -2.74 -24.56 19.18
C SER B 108 -1.82 -24.38 17.98
N ARG B 109 -0.71 -23.66 18.20
CA ARG B 109 0.32 -23.53 17.17
C ARG B 109 0.63 -24.86 16.51
N THR B 110 0.75 -25.92 17.33
CA THR B 110 1.15 -27.22 16.82
C THR B 110 0.13 -27.84 15.87
N ASP B 111 -1.11 -27.36 15.89
CA ASP B 111 -2.14 -27.94 15.03
C ASP B 111 -2.16 -27.37 13.63
N TYR B 112 -1.26 -26.44 13.30
CA TYR B 112 -1.26 -25.77 12.01
C TYR B 112 -0.05 -26.22 11.19
N ASP B 113 -0.29 -26.52 9.92
CA ASP B 113 0.75 -27.09 9.07
C ASP B 113 1.42 -26.07 8.17
N PHE B 114 0.87 -24.86 8.03
CA PHE B 114 1.42 -23.86 7.14
C PHE B 114 1.47 -22.50 7.83
N TRP B 115 2.55 -21.77 7.58
CA TRP B 115 2.79 -20.50 8.23
C TRP B 115 3.38 -19.51 7.22
N GLY B 116 2.89 -18.28 7.27
CA GLY B 116 3.50 -17.21 6.51
C GLY B 116 4.80 -16.77 7.14
N ARG B 117 5.40 -15.73 6.54
CA ARG B 117 6.69 -15.25 7.00
C ARG B 117 6.59 -14.37 8.24
N GLY B 118 5.43 -13.76 8.48
CA GLY B 118 5.28 -12.81 9.56
C GLY B 118 5.38 -11.37 9.07
N THR B 119 4.43 -10.53 9.47
CA THR B 119 4.41 -9.13 9.09
C THR B 119 4.29 -8.29 10.36
N GLN B 120 5.10 -7.26 10.47
CA GLN B 120 5.15 -6.45 11.67
C GLN B 120 4.00 -5.45 11.67
N VAL B 121 3.30 -5.35 12.81
CA VAL B 121 2.34 -4.28 13.05
C VAL B 121 2.77 -3.58 14.34
N THR B 122 2.96 -2.26 14.25
CA THR B 122 3.46 -1.46 15.36
C THR B 122 2.49 -0.32 15.62
N VAL B 123 1.94 -0.30 16.82
CA VAL B 123 1.02 0.73 17.26
C VAL B 123 1.83 1.66 18.17
N GLY B 124 2.12 2.85 17.68
CA GLY B 124 3.04 3.70 18.39
C GLY B 124 3.74 4.74 17.56
N LEU B 125 2.94 5.57 16.93
CA LEU B 125 3.01 7.00 17.16
C LEU B 125 4.28 7.51 17.83
N GLU B 126 5.45 7.04 17.39
CA GLU B 126 6.72 7.54 17.91
C GLU B 126 7.64 7.80 16.72
N VAL B 127 8.16 9.02 16.63
CA VAL B 127 8.99 9.43 15.51
C VAL B 127 10.25 8.57 15.46
#